data_2P3G
#
_entry.id   2P3G
#
_cell.length_a   253.941
_cell.length_b   253.941
_cell.length_c   253.941
_cell.angle_alpha   90.000
_cell.angle_beta   90.000
_cell.angle_gamma   90.000
#
_symmetry.space_group_name_H-M   'F 41 3 2'
#
loop_
_entity.id
_entity.type
_entity.pdbx_description
1 polymer 'MAP kinase-activated protein kinase 2'
2 non-polymer 2-[2-(2-FLUOROPHENYL)PYRIDIN-4-YL]-1,5,6,7-TETRAHYDRO-4H-PYRROLO[3,2-C]PYRIDIN-4-ONE
#
_entity_poly.entity_id   1
_entity_poly.type   'polypeptide(L)'
_entity_poly.pdbx_seq_one_letter_code
;QFHVKSGLQIKKNAIIDDYKVTSQVLGLGINGKVLQIFNKRTQEKFALKMLQDCPKARREVELHWRASQCPHIVRIVDVY
ENLYAGRKCLLIVMECLDGGELFSRIQDRGDQAFTEREASEIMKSIGEAIQYLHSINIAHRDVKPENLLYTSKRPNAILK
LTDFGFAKETTSHNSLTTPCYTPYYVAPEVLGPEKYDKSCDMWSLGVIMYILLCGYPPFYSNHGLAISPGMKTRIRMGQY
EFPNPEWSEVSEEVKMLIRNLLKTEPTQRMTITEFMNHPWIMQSTKVPQTPLHTSRVLKEDKERWEDVKEEMTSALATMR
VDYEQIK
;
_entity_poly.pdbx_strand_id   X
#
loop_
_chem_comp.id
_chem_comp.type
_chem_comp.name
_chem_comp.formula
F10 non-polymer 2-[2-(2-FLUOROPHENYL)PYRIDIN-4-YL]-1,5,6,7-TETRAHYDRO-4H-PYRROLO[3,2-C]PYRIDIN-4-ONE 'C18 H14 F N3 O'
#
# COMPACT_ATOMS: atom_id res chain seq x y z
N GLN A 1 8.13 -29.37 -12.75
CA GLN A 1 9.50 -28.98 -13.21
C GLN A 1 9.53 -27.62 -13.94
N PHE A 2 8.34 -27.16 -14.36
CA PHE A 2 8.19 -26.00 -15.23
C PHE A 2 6.78 -25.47 -15.03
N HIS A 3 6.69 -24.19 -14.65
CA HIS A 3 5.39 -23.57 -14.41
C HIS A 3 5.33 -22.08 -14.70
N VAL A 4 4.28 -21.68 -15.42
CA VAL A 4 3.97 -20.27 -15.61
C VAL A 4 2.51 -19.99 -15.29
N LYS A 5 2.13 -18.72 -15.42
CA LYS A 5 0.77 -18.33 -15.14
C LYS A 5 0.12 -17.62 -16.32
N SER A 6 -1.19 -17.55 -16.26
CA SER A 6 -1.99 -16.85 -17.25
C SER A 6 -1.34 -15.54 -17.63
N GLY A 7 -1.18 -15.33 -18.91
CA GLY A 7 -0.85 -13.99 -19.38
C GLY A 7 -2.07 -13.09 -19.26
N LEU A 8 -1.85 -11.78 -19.21
CA LEU A 8 -2.93 -10.78 -19.14
C LEU A 8 -3.89 -10.79 -20.35
N GLN A 9 -5.17 -10.55 -20.12
CA GLN A 9 -6.23 -10.87 -21.08
C GLN A 9 -7.30 -9.81 -21.15
N ILE A 10 -7.35 -9.09 -22.25
CA ILE A 10 -8.27 -7.97 -22.29
C ILE A 10 -9.64 -8.41 -22.74
N LYS A 11 -10.47 -8.80 -21.77
CA LYS A 11 -11.83 -9.22 -22.07
C LYS A 11 -12.60 -8.05 -22.70
N LYS A 12 -13.31 -8.34 -23.81
CA LYS A 12 -13.99 -7.30 -24.62
C LYS A 12 -15.51 -7.19 -24.44
N ASN A 13 -16.17 -8.30 -24.10
CA ASN A 13 -17.62 -8.31 -23.88
C ASN A 13 -17.99 -7.50 -22.65
N ALA A 14 -19.18 -6.90 -22.67
CA ALA A 14 -19.59 -6.00 -21.59
C ALA A 14 -19.55 -6.66 -20.25
N ILE A 15 -18.83 -6.06 -19.32
CA ILE A 15 -18.69 -6.59 -17.98
C ILE A 15 -20.03 -6.86 -17.31
N ILE A 16 -21.07 -6.24 -17.83
CA ILE A 16 -22.39 -6.42 -17.30
C ILE A 16 -22.93 -7.82 -17.62
N ASP A 17 -22.28 -8.51 -18.54
CA ASP A 17 -22.59 -9.89 -18.83
C ASP A 17 -22.02 -10.80 -17.78
N ASP A 18 -20.77 -10.54 -17.37
CA ASP A 18 -20.08 -11.39 -16.41
C ASP A 18 -20.31 -10.98 -14.98
N TYR A 19 -20.69 -9.72 -14.74
CA TYR A 19 -21.00 -9.30 -13.39
C TYR A 19 -22.25 -8.44 -13.37
N LYS A 20 -22.76 -8.24 -12.17
CA LYS A 20 -23.83 -7.30 -11.91
C LYS A 20 -23.15 -6.21 -11.11
N VAL A 21 -23.30 -4.97 -11.57
CA VAL A 21 -22.59 -3.84 -10.95
C VAL A 21 -23.49 -3.15 -9.96
N THR A 22 -22.94 -2.75 -8.82
CA THR A 22 -23.69 -1.92 -7.91
C THR A 22 -23.53 -0.47 -8.33
N SER A 23 -23.86 0.42 -7.41
CA SER A 23 -23.39 1.80 -7.47
C SER A 23 -22.77 2.11 -6.12
N GLN A 24 -22.97 1.22 -5.16
CA GLN A 24 -22.33 1.33 -3.86
C GLN A 24 -20.83 1.50 -4.09
N VAL A 25 -20.28 2.60 -3.59
CA VAL A 25 -18.89 2.99 -3.83
C VAL A 25 -17.98 2.50 -2.70
N LEU A 26 -16.69 2.44 -2.99
CA LEU A 26 -15.67 2.11 -2.00
C LEU A 26 -14.51 3.13 -2.11
N GLY A 27 -13.58 2.85 -3.02
CA GLY A 27 -12.45 3.72 -3.27
C GLY A 27 -12.87 4.93 -4.09
N LEU A 28 -12.37 6.09 -3.67
CA LEU A 28 -12.73 7.39 -4.24
C LEU A 28 -11.45 8.07 -4.68
N GLY A 29 -10.75 7.43 -5.62
CA GLY A 29 -9.41 7.84 -6.00
C GLY A 29 -9.26 8.51 -7.34
N ILE A 30 -8.06 8.37 -7.90
CA ILE A 30 -7.59 9.05 -9.15
C ILE A 30 -8.62 9.23 -10.31
N ASN A 31 -8.73 8.24 -11.18
CA ASN A 31 -9.78 8.21 -12.22
C ASN A 31 -11.01 7.43 -11.75
N GLY A 32 -12.12 8.15 -11.60
CA GLY A 32 -13.39 7.55 -11.17
C GLY A 32 -13.41 6.87 -9.80
N LYS A 33 -14.50 6.17 -9.56
CA LYS A 33 -14.86 5.62 -8.27
C LYS A 33 -14.40 4.16 -8.22
N VAL A 34 -14.58 3.50 -7.07
CA VAL A 34 -14.40 2.05 -7.02
C VAL A 34 -15.67 1.39 -6.51
N LEU A 35 -16.42 0.78 -7.42
CA LEU A 35 -17.71 0.23 -7.12
C LEU A 35 -17.59 -1.19 -6.64
N GLN A 36 -18.46 -1.58 -5.72
CA GLN A 36 -18.58 -2.97 -5.30
C GLN A 36 -19.22 -3.70 -6.45
N ILE A 37 -18.79 -4.93 -6.68
CA ILE A 37 -19.29 -5.67 -7.81
C ILE A 37 -19.37 -7.15 -7.49
N PHE A 38 -20.38 -7.82 -8.05
CA PHE A 38 -20.62 -9.24 -7.76
C PHE A 38 -20.49 -10.15 -8.96
N ASN A 39 -19.80 -11.27 -8.76
CA ASN A 39 -19.49 -12.19 -9.84
C ASN A 39 -20.67 -13.07 -10.14
N LYS A 40 -21.21 -12.95 -11.33
CA LYS A 40 -22.41 -13.68 -11.65
C LYS A 40 -22.27 -15.18 -11.39
N ARG A 41 -21.23 -15.79 -11.93
CA ARG A 41 -20.92 -17.22 -11.71
C ARG A 41 -20.80 -17.49 -10.20
N THR A 42 -19.70 -17.06 -9.60
CA THR A 42 -19.35 -17.50 -8.27
C THR A 42 -20.21 -16.86 -7.22
N GLN A 43 -20.56 -15.60 -7.47
CA GLN A 43 -21.30 -14.76 -6.53
C GLN A 43 -20.46 -14.10 -5.44
N GLU A 44 -19.17 -13.87 -5.73
CA GLU A 44 -18.36 -13.07 -4.81
C GLU A 44 -18.19 -11.57 -5.13
N LYS A 45 -17.86 -10.82 -4.08
CA LYS A 45 -17.80 -9.35 -4.11
C LYS A 45 -16.44 -8.82 -4.54
N PHE A 46 -16.44 -7.73 -5.30
CA PHE A 46 -15.23 -7.29 -5.95
C PHE A 46 -15.08 -5.82 -6.05
N ALA A 47 -13.82 -5.40 -6.19
CA ALA A 47 -13.46 -4.03 -6.44
C ALA A 47 -13.40 -3.80 -7.93
N LEU A 48 -13.98 -2.70 -8.37
CA LEU A 48 -13.96 -2.35 -9.76
C LEU A 48 -13.38 -0.97 -10.00
N LYS A 49 -12.14 -0.91 -10.44
CA LYS A 49 -11.57 0.35 -10.89
C LYS A 49 -11.99 0.52 -12.34
N MET A 50 -12.07 1.77 -12.76
CA MET A 50 -12.48 2.12 -14.10
C MET A 50 -11.55 3.15 -14.70
N LEU A 51 -11.21 2.99 -15.95
CA LEU A 51 -10.21 3.85 -16.54
C LEU A 51 -10.55 4.36 -17.91
N GLN A 52 -9.99 5.52 -18.25
CA GLN A 52 -10.22 6.11 -19.56
C GLN A 52 -9.72 5.20 -20.69
N ASP A 53 -8.63 4.46 -20.46
CA ASP A 53 -8.01 3.61 -21.49
C ASP A 53 -7.28 4.43 -22.54
N CYS A 54 -6.17 5.01 -22.11
CA CYS A 54 -5.20 5.60 -23.01
C CYS A 54 -3.96 4.73 -22.89
N PRO A 55 -3.05 4.80 -23.87
CA PRO A 55 -1.77 4.11 -23.73
C PRO A 55 -1.22 4.01 -22.31
N LYS A 56 -1.33 5.06 -21.50
CA LYS A 56 -0.75 5.02 -20.15
C LYS A 56 -1.33 3.89 -19.28
N ALA A 57 -2.58 4.05 -18.84
CA ALA A 57 -3.25 3.02 -18.07
C ALA A 57 -2.90 1.63 -18.62
N ARG A 58 -3.11 1.45 -19.92
CA ARG A 58 -2.89 0.18 -20.60
C ARG A 58 -1.57 -0.53 -20.27
N ARG A 59 -0.68 0.16 -19.57
CA ARG A 59 0.50 -0.49 -19.05
C ARG A 59 0.43 -0.55 -17.54
N GLU A 60 -0.16 0.49 -16.94
CA GLU A 60 -0.33 0.53 -15.50
C GLU A 60 -1.00 -0.75 -15.01
N VAL A 61 -2.08 -1.14 -15.68
CA VAL A 61 -2.72 -2.43 -15.42
C VAL A 61 -1.78 -3.55 -15.77
N GLU A 62 -1.24 -3.47 -16.99
CA GLU A 62 -0.33 -4.45 -17.53
C GLU A 62 0.76 -4.80 -16.52
N LEU A 63 0.94 -3.96 -15.51
CA LEU A 63 1.91 -4.23 -14.45
C LEU A 63 1.23 -4.82 -13.24
N HIS A 64 0.19 -4.13 -12.81
CA HIS A 64 -0.64 -4.55 -11.70
C HIS A 64 -0.86 -6.04 -11.82
N TRP A 65 -1.18 -6.43 -13.06
CA TRP A 65 -1.35 -7.82 -13.42
C TRP A 65 -0.17 -8.65 -12.93
N ARG A 66 1.01 -8.31 -13.43
CA ARG A 66 2.23 -9.03 -13.07
C ARG A 66 2.39 -9.11 -11.57
N ALA A 67 1.90 -8.08 -10.88
CA ALA A 67 2.16 -7.91 -9.45
C ALA A 67 1.21 -8.71 -8.55
N SER A 68 -0.01 -8.92 -9.02
CA SER A 68 -1.05 -9.55 -8.23
C SER A 68 -0.64 -10.92 -7.78
N GLN A 69 0.16 -11.59 -8.61
CA GLN A 69 0.76 -12.89 -8.31
C GLN A 69 1.47 -12.95 -6.97
N CYS A 70 1.45 -11.82 -6.26
CA CYS A 70 2.02 -11.73 -4.92
C CYS A 70 0.92 -11.89 -3.86
N PRO A 71 1.30 -12.44 -2.69
CA PRO A 71 0.52 -12.34 -1.47
C PRO A 71 0.14 -10.89 -1.16
N HIS A 72 1.00 -10.14 -0.50
CA HIS A 72 0.59 -8.83 -0.01
C HIS A 72 0.29 -7.77 -1.09
N ILE A 73 0.30 -8.16 -2.37
CA ILE A 73 -0.18 -7.23 -3.38
C ILE A 73 -1.53 -7.69 -3.85
N VAL A 74 -2.43 -6.71 -3.98
CA VAL A 74 -3.79 -6.92 -4.46
C VAL A 74 -3.82 -7.61 -5.83
N ARG A 75 -4.65 -8.65 -5.90
CA ARG A 75 -4.80 -9.49 -7.09
C ARG A 75 -5.79 -8.86 -8.06
N ILE A 76 -5.42 -8.80 -9.35
CA ILE A 76 -6.40 -8.48 -10.40
C ILE A 76 -7.08 -9.76 -10.82
N VAL A 77 -8.37 -9.65 -11.12
CA VAL A 77 -9.15 -10.81 -11.38
C VAL A 77 -9.66 -10.82 -12.81
N ASP A 78 -9.81 -9.64 -13.38
CA ASP A 78 -10.37 -9.51 -14.69
C ASP A 78 -10.15 -8.10 -15.18
N VAL A 79 -9.81 -7.97 -16.45
CA VAL A 79 -9.68 -6.66 -17.05
C VAL A 79 -10.49 -6.55 -18.34
N TYR A 80 -11.40 -5.59 -18.37
CA TYR A 80 -12.31 -5.42 -19.50
C TYR A 80 -12.13 -4.08 -20.17
N GLU A 81 -12.03 -4.07 -21.50
CA GLU A 81 -12.10 -2.82 -22.24
C GLU A 81 -13.47 -2.66 -22.86
N ASN A 82 -14.38 -2.01 -22.15
CA ASN A 82 -15.72 -1.77 -22.68
C ASN A 82 -15.89 -0.32 -23.10
N LEU A 83 -17.09 0.06 -23.50
CA LEU A 83 -17.37 1.42 -23.88
C LEU A 83 -18.32 2.03 -22.89
N TYR A 84 -17.84 2.92 -22.03
CA TYR A 84 -18.75 3.65 -21.18
C TYR A 84 -19.28 4.87 -21.93
N ALA A 85 -19.08 6.06 -21.34
CA ALA A 85 -19.66 7.30 -21.84
C ALA A 85 -19.79 7.26 -23.37
N GLY A 86 -18.64 7.21 -24.04
CA GLY A 86 -18.53 6.96 -25.47
C GLY A 86 -17.06 6.64 -25.64
N ARG A 87 -16.48 6.18 -24.54
CA ARG A 87 -15.05 6.21 -24.32
C ARG A 87 -14.53 4.80 -24.16
N LYS A 88 -13.77 4.33 -25.14
CA LYS A 88 -13.07 3.05 -25.03
C LYS A 88 -12.52 2.98 -23.63
N CYS A 89 -13.21 2.26 -22.75
CA CYS A 89 -12.89 2.30 -21.33
C CYS A 89 -12.10 1.17 -20.84
N LEU A 90 -12.00 1.08 -19.52
CA LEU A 90 -11.15 0.08 -19.01
C LEU A 90 -11.49 -0.25 -17.59
N LEU A 91 -12.02 -1.45 -17.43
CA LEU A 91 -12.53 -1.85 -16.15
C LEU A 91 -11.66 -2.95 -15.68
N ILE A 92 -11.07 -2.71 -14.54
CA ILE A 92 -10.23 -3.68 -13.93
C ILE A 92 -10.99 -4.16 -12.72
N VAL A 93 -11.10 -5.46 -12.56
CA VAL A 93 -11.82 -6.01 -11.45
C VAL A 93 -10.83 -6.71 -10.59
N MET A 94 -10.76 -6.29 -9.35
CA MET A 94 -9.75 -6.80 -8.45
C MET A 94 -10.35 -7.14 -7.12
N GLU A 95 -9.59 -7.89 -6.32
CA GLU A 95 -10.11 -8.46 -5.09
C GLU A 95 -10.55 -7.39 -4.13
N CYS A 96 -11.80 -7.50 -3.74
CA CYS A 96 -12.33 -6.63 -2.73
C CYS A 96 -11.51 -6.86 -1.47
N LEU A 97 -11.33 -5.80 -0.71
CA LEU A 97 -10.62 -5.85 0.57
C LEU A 97 -11.37 -5.05 1.65
N ASP A 98 -12.13 -5.80 2.46
CA ASP A 98 -12.92 -5.24 3.58
C ASP A 98 -12.08 -5.11 4.85
N GLY A 99 -10.97 -4.37 4.77
CA GLY A 99 -10.07 -4.21 5.90
C GLY A 99 -10.04 -2.82 6.50
N GLY A 100 -9.90 -1.80 5.66
CA GLY A 100 -9.72 -0.42 6.11
C GLY A 100 -8.26 0.00 6.09
N GLU A 101 -8.01 1.28 5.81
CA GLU A 101 -6.67 1.83 5.66
C GLU A 101 -5.80 1.44 6.83
N LEU A 102 -4.73 0.70 6.54
CA LEU A 102 -3.83 0.15 7.53
C LEU A 102 -3.99 0.75 8.93
N PHE A 103 -3.85 2.06 9.02
CA PHE A 103 -3.92 2.74 10.31
C PHE A 103 -5.31 2.80 10.92
N SER A 104 -6.29 3.14 10.09
CA SER A 104 -7.69 3.25 10.50
C SER A 104 -8.30 1.93 11.00
N ARG A 105 -7.47 0.89 11.08
CA ARG A 105 -7.88 -0.38 11.69
C ARG A 105 -7.37 -0.45 13.13
N ILE A 106 -6.23 0.19 13.37
CA ILE A 106 -5.54 0.10 14.64
C ILE A 106 -6.25 0.90 15.74
N GLN A 107 -6.90 1.98 15.35
CA GLN A 107 -7.67 2.81 16.29
C GLN A 107 -9.07 2.26 16.56
N ASP A 108 -9.26 0.98 16.22
CA ASP A 108 -10.46 0.23 16.59
C ASP A 108 -10.01 -1.17 16.99
N ARG A 109 -8.82 -1.24 17.57
CA ARG A 109 -8.22 -2.49 18.04
C ARG A 109 -9.03 -3.12 19.16
N GLY A 110 -9.73 -2.27 19.93
CA GLY A 110 -10.65 -2.72 20.99
C GLY A 110 -10.00 -3.36 22.20
N ASP A 111 -9.06 -4.27 21.95
CA ASP A 111 -8.33 -4.98 23.01
C ASP A 111 -6.86 -4.58 23.03
N GLN A 112 -6.38 -4.25 24.23
CA GLN A 112 -4.99 -3.83 24.49
C GLN A 112 -4.54 -2.54 23.74
N ALA A 113 -3.22 -2.35 23.63
CA ALA A 113 -2.62 -1.30 22.80
C ALA A 113 -1.63 -1.96 21.83
N PHE A 114 -0.80 -1.15 21.16
CA PHE A 114 0.09 -1.68 20.12
C PHE A 114 1.50 -2.04 20.59
N THR A 115 2.24 -2.75 19.75
CA THR A 115 3.51 -3.38 20.13
C THR A 115 4.60 -3.24 19.06
N GLU A 116 5.81 -2.90 19.50
CA GLU A 116 6.97 -2.86 18.61
C GLU A 116 6.99 -4.09 17.71
N ARG A 117 6.60 -5.23 18.28
CA ARG A 117 6.57 -6.50 17.54
C ARG A 117 5.49 -6.48 16.45
N GLU A 118 4.34 -5.90 16.77
CA GLU A 118 3.24 -5.80 15.82
C GLU A 118 3.56 -4.79 14.72
N ALA A 119 4.31 -3.76 15.08
CA ALA A 119 4.73 -2.73 14.12
C ALA A 119 5.65 -3.35 13.09
N SER A 120 6.63 -4.11 13.56
CA SER A 120 7.50 -4.90 12.70
C SER A 120 6.64 -5.66 11.70
N GLU A 121 5.89 -6.64 12.20
CA GLU A 121 5.05 -7.51 11.39
C GLU A 121 4.38 -6.76 10.24
N ILE A 122 3.80 -5.61 10.55
CA ILE A 122 3.20 -4.77 9.53
C ILE A 122 4.27 -4.34 8.54
N MET A 123 5.20 -3.51 9.00
CA MET A 123 6.28 -3.04 8.16
C MET A 123 6.87 -4.19 7.42
N LYS A 124 7.27 -5.20 8.18
CA LYS A 124 7.78 -6.46 7.66
C LYS A 124 7.05 -6.84 6.37
N SER A 125 5.74 -7.06 6.47
CA SER A 125 4.94 -7.46 5.33
C SER A 125 5.11 -6.47 4.21
N ILE A 126 4.76 -5.22 4.47
CA ILE A 126 4.83 -4.17 3.46
C ILE A 126 6.15 -4.23 2.74
N GLY A 127 7.23 -4.43 3.50
CA GLY A 127 8.53 -4.63 2.89
C GLY A 127 8.44 -5.64 1.75
N GLU A 128 8.01 -6.84 2.10
CA GLU A 128 7.93 -7.94 1.15
C GLU A 128 7.36 -7.43 -0.17
N ALA A 129 6.18 -6.84 -0.10
CA ALA A 129 5.46 -6.42 -1.29
C ALA A 129 6.36 -5.60 -2.20
N ILE A 130 7.02 -4.61 -1.61
CA ILE A 130 7.90 -3.75 -2.35
C ILE A 130 8.99 -4.57 -3.00
N GLN A 131 9.59 -5.48 -2.23
CA GLN A 131 10.58 -6.39 -2.76
C GLN A 131 10.15 -6.93 -4.11
N TYR A 132 9.10 -7.72 -4.09
CA TYR A 132 8.56 -8.34 -5.30
C TYR A 132 8.71 -7.41 -6.47
N LEU A 133 8.16 -6.21 -6.31
CA LEU A 133 8.08 -5.27 -7.38
C LEU A 133 9.46 -4.93 -7.86
N HIS A 134 10.29 -4.56 -6.91
CA HIS A 134 11.65 -4.29 -7.24
C HIS A 134 12.24 -5.56 -7.81
N SER A 135 12.05 -6.68 -7.11
CA SER A 135 12.57 -7.96 -7.59
C SER A 135 12.10 -8.27 -9.01
N ILE A 136 11.16 -7.50 -9.54
CA ILE A 136 10.80 -7.64 -10.95
C ILE A 136 10.95 -6.33 -11.72
N ASN A 137 11.63 -5.38 -11.13
CA ASN A 137 11.88 -4.09 -11.77
C ASN A 137 10.63 -3.24 -11.87
N ILE A 138 9.97 -3.05 -10.73
CA ILE A 138 8.77 -2.21 -10.67
C ILE A 138 8.84 -1.23 -9.51
N ALA A 139 8.60 0.04 -9.81
CA ALA A 139 8.48 1.04 -8.75
C ALA A 139 7.02 1.40 -8.57
N HIS A 140 6.57 1.39 -7.33
CA HIS A 140 5.17 1.70 -7.08
C HIS A 140 4.93 3.19 -7.10
N ARG A 141 5.91 3.92 -6.57
CA ARG A 141 5.87 5.37 -6.53
C ARG A 141 4.68 5.95 -5.77
N ASP A 142 4.06 5.22 -4.84
CA ASP A 142 2.85 5.76 -4.24
C ASP A 142 2.37 5.03 -3.00
N VAL A 143 3.32 4.68 -2.16
CA VAL A 143 3.06 3.73 -1.08
C VAL A 143 2.39 4.36 0.18
N LYS A 144 1.36 5.16 -0.07
CA LYS A 144 0.57 5.81 0.98
C LYS A 144 -0.18 4.83 1.89
N PRO A 145 -0.56 5.29 3.09
CA PRO A 145 -1.30 4.39 3.94
C PRO A 145 -2.80 4.49 3.69
N GLU A 146 -3.21 5.09 2.57
CA GLU A 146 -4.55 4.84 2.05
C GLU A 146 -4.39 3.63 1.16
N ASN A 147 -3.26 3.54 0.47
CA ASN A 147 -3.03 2.43 -0.43
C ASN A 147 -2.72 1.10 0.23
N LEU A 148 -2.79 1.08 1.56
CA LEU A 148 -2.69 -0.15 2.31
C LEU A 148 -4.00 -0.42 2.99
N LEU A 149 -4.53 -1.63 2.79
CA LEU A 149 -5.84 -2.03 3.31
C LEU A 149 -5.76 -3.50 3.62
N TYR A 150 -6.65 -4.01 4.45
CA TYR A 150 -6.64 -5.42 4.79
C TYR A 150 -7.73 -6.22 4.09
N THR A 151 -7.51 -7.53 4.03
CA THR A 151 -8.47 -8.43 3.40
C THR A 151 -9.79 -8.45 4.14
N SER A 152 -9.73 -8.73 5.45
CA SER A 152 -10.93 -8.74 6.31
C SER A 152 -10.69 -8.08 7.68
N LYS A 153 -11.63 -8.27 8.60
CA LYS A 153 -11.62 -7.54 9.86
C LYS A 153 -11.04 -8.34 11.03
N ARG A 154 -10.63 -9.58 10.76
CA ARG A 154 -9.99 -10.43 11.77
C ARG A 154 -8.48 -10.12 11.94
N PRO A 155 -7.94 -10.29 13.16
CA PRO A 155 -6.49 -10.08 13.42
C PRO A 155 -5.60 -11.12 12.74
N ASN A 156 -6.19 -12.22 12.28
CA ASN A 156 -5.51 -13.09 11.33
C ASN A 156 -5.34 -12.37 10.00
N ALA A 157 -6.39 -11.63 9.59
CA ALA A 157 -6.45 -10.93 8.31
C ALA A 157 -5.15 -10.24 7.95
N ILE A 158 -4.80 -10.28 6.66
CA ILE A 158 -3.56 -9.71 6.15
C ILE A 158 -3.86 -8.46 5.30
N LEU A 159 -2.85 -7.62 5.09
CA LEU A 159 -3.02 -6.44 4.25
C LEU A 159 -2.20 -6.41 2.96
N LYS A 160 -2.75 -5.70 1.98
CA LYS A 160 -2.18 -5.65 0.65
C LYS A 160 -2.09 -4.20 0.16
N LEU A 161 -1.52 -4.03 -1.02
CA LEU A 161 -1.16 -2.72 -1.51
C LEU A 161 -1.79 -2.42 -2.86
N THR A 162 -2.35 -1.23 -3.01
CA THR A 162 -3.16 -0.92 -4.17
C THR A 162 -2.74 0.34 -4.91
N ASP A 163 -3.47 0.66 -5.97
CA ASP A 163 -3.28 1.88 -6.76
C ASP A 163 -1.93 1.94 -7.45
N PHE A 164 -1.82 1.25 -8.56
CA PHE A 164 -0.64 1.35 -9.39
C PHE A 164 -0.79 2.45 -10.40
N GLY A 165 -1.56 3.48 -10.05
CA GLY A 165 -1.76 4.61 -10.94
C GLY A 165 -0.44 5.33 -11.13
N PHE A 166 0.56 4.82 -10.40
CA PHE A 166 1.82 5.52 -10.19
C PHE A 166 3.03 4.64 -10.47
N ALA A 167 2.84 3.33 -10.41
CA ALA A 167 3.93 2.39 -10.68
C ALA A 167 4.52 2.58 -12.07
N LYS A 168 5.76 2.12 -12.21
CA LYS A 168 6.56 2.39 -13.39
C LYS A 168 7.61 1.29 -13.50
N GLU A 169 7.87 0.87 -14.73
CA GLU A 169 8.86 -0.18 -14.98
C GLU A 169 10.28 0.39 -14.92
N THR A 170 11.08 -0.10 -13.97
CA THR A 170 12.52 0.19 -14.00
C THR A 170 13.20 -0.62 -15.12
N THR A 171 13.15 -0.07 -16.33
CA THR A 171 13.52 -0.80 -17.54
C THR A 171 14.95 -0.43 -18.01
N SER A 172 15.44 -1.16 -19.03
CA SER A 172 16.73 -0.93 -19.74
C SER A 172 17.80 -0.13 -18.97
N LYS A 195 18.36 11.01 -7.44
CA LYS A 195 18.76 10.55 -8.75
C LYS A 195 17.79 9.51 -9.35
N TYR A 196 17.32 8.56 -8.54
CA TYR A 196 16.50 7.43 -9.06
C TYR A 196 15.04 7.29 -8.58
N ASP A 197 14.60 6.05 -8.34
CA ASP A 197 13.18 5.72 -8.45
C ASP A 197 12.66 4.76 -7.37
N LYS A 198 12.98 3.48 -7.53
CA LYS A 198 12.60 2.45 -6.56
C LYS A 198 13.24 2.72 -5.22
N SER A 199 12.89 3.88 -4.67
CA SER A 199 13.49 4.42 -3.47
C SER A 199 12.39 5.22 -2.83
N CYS A 200 11.53 5.77 -3.69
CA CYS A 200 10.33 6.45 -3.23
C CYS A 200 9.65 5.47 -2.32
N ASP A 201 9.50 4.25 -2.82
CA ASP A 201 8.85 3.20 -2.07
C ASP A 201 9.50 3.00 -0.71
N MET A 202 10.82 3.11 -0.66
CA MET A 202 11.54 3.05 0.61
C MET A 202 11.11 4.20 1.50
N TRP A 203 11.42 5.42 1.08
CA TRP A 203 11.04 6.61 1.82
C TRP A 203 9.75 6.34 2.57
N SER A 204 8.75 5.95 1.80
CA SER A 204 7.41 5.75 2.29
C SER A 204 7.46 4.81 3.48
N LEU A 205 7.99 3.61 3.26
CA LEU A 205 8.11 2.65 4.33
C LEU A 205 8.62 3.37 5.57
N GLY A 206 9.67 4.16 5.39
CA GLY A 206 10.25 4.88 6.52
C GLY A 206 9.17 5.72 7.14
N VAL A 207 8.63 6.62 6.33
CA VAL A 207 7.51 7.44 6.73
C VAL A 207 6.52 6.56 7.48
N ILE A 208 6.13 5.47 6.83
CA ILE A 208 5.15 4.55 7.39
C ILE A 208 5.54 4.04 8.77
N MET A 209 6.81 3.68 8.94
CA MET A 209 7.26 3.17 10.21
C MET A 209 7.11 4.22 11.30
N TYR A 210 7.50 5.45 10.97
CA TYR A 210 7.44 6.55 11.92
C TYR A 210 6.03 6.61 12.48
N ILE A 211 5.10 6.99 11.62
CA ILE A 211 3.69 7.08 11.97
C ILE A 211 3.22 5.82 12.68
N LEU A 212 3.74 4.68 12.25
CA LEU A 212 3.44 3.41 12.89
C LEU A 212 3.81 3.42 14.36
N LEU A 213 4.97 3.98 14.68
CA LEU A 213 5.45 3.99 16.06
C LEU A 213 4.84 5.10 16.93
N CYS A 214 4.74 6.31 16.39
CA CYS A 214 4.27 7.47 17.15
C CYS A 214 2.82 7.81 16.83
N GLY A 215 2.63 8.52 15.72
CA GLY A 215 1.33 8.99 15.27
C GLY A 215 1.40 10.26 14.45
N TYR A 216 2.59 10.59 13.93
CA TYR A 216 2.78 11.77 13.07
C TYR A 216 3.96 11.58 12.13
N PRO A 217 4.14 12.50 11.16
CA PRO A 217 5.30 12.44 10.30
C PRO A 217 6.37 13.43 10.76
N PRO A 218 7.35 13.72 9.87
CA PRO A 218 8.04 15.01 9.82
C PRO A 218 7.05 16.19 9.62
N PHE A 219 7.45 17.21 8.86
CA PHE A 219 6.58 18.39 8.64
C PHE A 219 7.25 19.54 7.86
N TYR A 220 7.41 19.37 6.54
CA TYR A 220 7.92 20.44 5.66
C TYR A 220 7.03 20.67 4.42
N SER A 221 7.63 20.73 3.23
CA SER A 221 6.90 21.07 2.00
C SER A 221 7.56 20.46 0.77
N GLY A 238 16.39 18.59 6.59
CA GLY A 238 15.12 18.34 7.28
C GLY A 238 15.27 17.57 8.59
N GLN A 239 14.87 18.20 9.69
CA GLN A 239 15.02 17.65 11.05
C GLN A 239 13.77 16.96 11.56
N TYR A 240 13.95 15.73 12.05
CA TYR A 240 12.87 15.00 12.70
C TYR A 240 13.21 14.73 14.17
N GLU A 241 12.52 15.47 15.04
CA GLU A 241 12.72 15.35 16.49
C GLU A 241 12.09 14.06 17.02
N PHE A 242 12.44 13.68 18.25
CA PHE A 242 11.98 12.42 18.81
C PHE A 242 11.38 12.59 20.21
N PRO A 243 10.15 13.14 20.30
CA PRO A 243 9.44 13.44 21.56
C PRO A 243 9.49 12.34 22.63
N ASN A 244 9.44 12.77 23.89
CA ASN A 244 9.74 11.92 25.06
C ASN A 244 8.69 10.86 25.45
N PRO A 245 7.44 11.27 25.76
CA PRO A 245 6.43 10.26 26.12
C PRO A 245 6.18 9.26 25.00
N GLU A 246 6.94 9.41 23.91
CA GLU A 246 6.92 8.49 22.77
C GLU A 246 8.30 7.83 22.61
N TRP A 247 9.24 8.53 21.97
CA TRP A 247 10.61 8.04 21.78
C TRP A 247 11.39 8.10 23.08
N SER A 248 11.67 6.93 23.68
CA SER A 248 12.25 6.87 25.02
C SER A 248 13.26 5.74 25.20
N GLU A 249 12.81 4.63 25.78
CA GLU A 249 13.65 3.43 25.94
C GLU A 249 13.64 2.60 24.65
N VAL A 250 13.23 3.23 23.55
CA VAL A 250 13.01 2.60 22.23
C VAL A 250 14.32 2.38 21.46
N SER A 251 14.86 1.17 21.58
CA SER A 251 16.21 0.82 21.09
C SER A 251 16.64 1.60 19.85
N GLU A 252 17.79 2.26 19.98
CA GLU A 252 18.40 3.02 18.88
C GLU A 252 18.67 2.08 17.71
N GLU A 253 18.66 0.79 18.03
CA GLU A 253 18.63 -0.28 17.05
C GLU A 253 17.54 -0.05 16.01
N VAL A 254 16.36 0.35 16.48
CA VAL A 254 15.21 0.63 15.61
C VAL A 254 15.28 2.06 15.06
N LYS A 255 15.64 3.00 15.94
CA LYS A 255 15.77 4.41 15.55
C LYS A 255 16.80 4.55 14.43
N MET A 256 17.67 3.54 14.33
CA MET A 256 18.60 3.38 13.23
C MET A 256 17.84 3.32 11.91
N LEU A 257 17.16 2.20 11.66
CA LEU A 257 16.36 1.99 10.43
C LEU A 257 15.73 3.28 9.93
N ILE A 258 14.70 3.69 10.63
CA ILE A 258 13.97 4.89 10.33
C ILE A 258 14.89 5.94 9.73
N ARG A 259 16.06 6.14 10.34
CA ARG A 259 17.08 7.04 9.80
C ARG A 259 17.41 6.71 8.36
N ASN A 260 18.17 5.64 8.16
CA ASN A 260 18.65 5.23 6.85
C ASN A 260 17.59 5.35 5.79
N LEU A 261 16.34 5.07 6.16
CA LEU A 261 15.21 5.11 5.25
C LEU A 261 14.85 6.52 4.90
N LEU A 262 14.83 7.38 5.92
CA LEU A 262 14.31 8.72 5.74
C LEU A 262 15.29 9.74 5.14
N LYS A 263 16.55 9.32 5.02
CA LYS A 263 17.58 10.15 4.42
C LYS A 263 16.98 11.05 3.35
N THR A 264 16.95 12.35 3.63
CA THR A 264 16.49 13.37 2.69
C THR A 264 17.13 13.13 1.33
N GLU A 265 18.07 12.19 1.34
CA GLU A 265 18.82 11.78 0.17
C GLU A 265 18.00 10.92 -0.75
N PRO A 266 18.38 10.89 -2.05
CA PRO A 266 17.97 9.76 -2.86
C PRO A 266 18.86 8.53 -2.59
N THR A 267 20.16 8.73 -2.44
CA THR A 267 21.11 7.65 -2.20
C THR A 267 21.28 7.36 -0.70
N GLN A 268 21.86 6.21 -0.39
CA GLN A 268 21.94 5.67 0.98
C GLN A 268 20.57 5.61 1.69
N ARG A 269 19.51 5.90 0.95
CA ARG A 269 18.22 5.42 1.38
C ARG A 269 18.31 3.91 1.18
N MET A 270 18.58 3.22 2.28
CA MET A 270 18.79 1.78 2.35
C MET A 270 17.93 0.96 1.39
N THR A 271 18.57 0.28 0.43
CA THR A 271 17.84 -0.52 -0.57
C THR A 271 16.93 -1.47 0.17
N ILE A 272 15.82 -1.85 -0.46
CA ILE A 272 14.91 -2.82 0.14
C ILE A 272 15.65 -4.12 0.40
N THR A 273 16.37 -4.58 -0.62
CA THR A 273 17.22 -5.74 -0.51
C THR A 273 17.94 -5.60 0.82
N GLU A 274 18.63 -4.46 0.97
CA GLU A 274 19.24 -4.08 2.24
C GLU A 274 18.22 -4.10 3.37
N PHE A 275 17.13 -3.36 3.21
CA PHE A 275 16.14 -3.18 4.25
C PHE A 275 15.74 -4.48 4.90
N MET A 276 15.56 -5.49 4.05
CA MET A 276 15.13 -6.79 4.50
C MET A 276 16.17 -7.38 5.45
N ASN A 277 17.44 -7.33 5.03
CA ASN A 277 18.56 -7.91 5.77
C ASN A 277 18.62 -7.58 7.25
N HIS A 278 18.34 -6.32 7.62
CA HIS A 278 18.43 -5.90 9.01
C HIS A 278 17.46 -6.68 9.90
N PRO A 279 17.96 -7.18 11.06
CA PRO A 279 17.23 -7.93 12.09
C PRO A 279 15.75 -7.57 12.28
N TRP A 280 15.46 -6.52 13.06
CA TRP A 280 14.09 -6.17 13.44
C TRP A 280 13.03 -6.75 12.49
N ILE A 281 13.13 -6.39 11.21
CA ILE A 281 12.24 -6.88 10.16
C ILE A 281 12.32 -8.40 10.03
N MET A 282 13.48 -8.90 9.60
CA MET A 282 13.64 -10.31 9.27
C MET A 282 13.54 -11.30 10.46
N GLN A 283 12.94 -10.78 11.58
CA GLN A 283 12.92 -11.61 12.79
C GLN A 283 11.61 -12.34 13.08
N SER A 284 10.53 -11.88 12.41
CA SER A 284 9.15 -12.30 12.73
C SER A 284 8.81 -12.09 14.22
N THR A 285 9.39 -12.92 15.10
CA THR A 285 9.17 -12.79 16.56
C THR A 285 10.49 -12.94 17.37
N LYS A 286 11.19 -11.82 17.57
CA LYS A 286 12.33 -11.70 18.52
C LYS A 286 12.45 -10.24 18.99
N VAL A 287 11.45 -9.46 18.62
CA VAL A 287 11.37 -8.04 18.92
C VAL A 287 10.80 -7.88 20.32
N PRO A 288 11.31 -6.90 21.07
CA PRO A 288 10.67 -6.41 22.31
C PRO A 288 9.13 -6.28 22.23
N GLN A 289 8.47 -6.51 23.37
CA GLN A 289 7.01 -6.43 23.46
C GLN A 289 6.50 -5.05 23.92
N THR A 290 7.39 -4.05 23.85
CA THR A 290 7.14 -2.68 24.34
C THR A 290 5.78 -2.13 23.93
N PRO A 291 5.05 -1.49 24.87
CA PRO A 291 3.76 -0.89 24.55
C PRO A 291 3.91 0.28 23.57
N LEU A 292 2.90 0.49 22.73
CA LEU A 292 2.91 1.61 21.80
C LEU A 292 1.63 2.42 21.94
N HIS A 293 1.81 3.73 22.06
CA HIS A 293 0.70 4.67 22.26
C HIS A 293 -0.06 4.98 20.96
N THR A 294 0.53 4.63 19.82
CA THR A 294 0.01 4.96 18.48
C THR A 294 -1.51 4.88 18.36
N SER A 295 -2.09 3.77 18.82
CA SER A 295 -3.54 3.59 18.82
C SER A 295 -4.20 4.79 19.46
N ARG A 296 -3.93 4.95 20.75
CA ARG A 296 -4.45 6.06 21.53
C ARG A 296 -4.06 7.38 20.87
N VAL A 297 -2.78 7.49 20.50
CA VAL A 297 -2.25 8.69 19.86
C VAL A 297 -3.16 9.15 18.73
N LEU A 298 -3.59 8.22 17.89
CA LEU A 298 -4.39 8.57 16.72
C LEU A 298 -5.78 8.99 17.10
N LYS A 299 -6.27 8.44 18.22
CA LYS A 299 -7.53 8.88 18.79
C LYS A 299 -7.34 10.32 19.23
N GLU A 300 -6.18 10.61 19.83
CA GLU A 300 -5.75 11.98 20.02
C GLU A 300 -5.58 12.56 18.61
N ASP A 301 -6.29 13.65 18.34
CA ASP A 301 -6.33 14.29 17.00
C ASP A 301 -6.73 13.38 15.85
N LYS A 302 -8.04 13.16 15.73
CA LYS A 302 -8.63 12.49 14.59
C LYS A 302 -8.75 13.51 13.45
N GLU A 303 -8.64 14.79 13.79
CA GLU A 303 -8.76 15.89 12.83
C GLU A 303 -7.55 15.98 11.88
N ARG A 304 -6.35 15.83 12.44
CA ARG A 304 -5.14 15.73 11.62
C ARG A 304 -5.13 14.40 10.85
N TRP A 305 -5.75 14.41 9.67
CA TRP A 305 -5.71 13.27 8.77
C TRP A 305 -5.87 13.70 7.32
N GLU A 306 -7.02 14.28 6.99
CA GLU A 306 -7.23 14.90 5.67
C GLU A 306 -6.04 15.80 5.35
N ASP A 307 -5.39 16.26 6.41
CA ASP A 307 -4.15 16.99 6.33
C ASP A 307 -3.02 16.02 5.98
N VAL A 308 -2.82 15.01 6.84
CA VAL A 308 -1.76 14.01 6.67
C VAL A 308 -1.73 13.46 5.24
N LYS A 309 -2.87 12.89 4.84
CA LYS A 309 -3.07 12.32 3.52
C LYS A 309 -2.47 13.16 2.37
N GLU A 310 -2.82 14.45 2.31
CA GLU A 310 -2.35 15.30 1.22
C GLU A 310 -0.86 15.48 1.29
N GLU A 311 -0.36 15.83 2.47
CA GLU A 311 1.07 16.02 2.70
C GLU A 311 1.84 14.76 2.32
N MET A 312 1.26 13.60 2.65
CA MET A 312 1.81 12.31 2.22
C MET A 312 1.86 12.16 0.71
N THR A 313 0.82 12.62 0.05
CA THR A 313 0.78 12.59 -1.41
C THR A 313 1.68 13.70 -1.95
N SER A 314 1.74 14.82 -1.22
CA SER A 314 2.65 15.91 -1.56
C SER A 314 4.06 15.37 -1.57
N ALA A 315 4.52 14.89 -0.42
CA ALA A 315 5.83 14.29 -0.30
C ALA A 315 6.06 13.36 -1.48
N LEU A 316 5.10 12.48 -1.74
CA LEU A 316 5.17 11.53 -2.84
C LEU A 316 4.82 12.20 -4.16
N ALA A 317 3.89 11.56 -4.90
CA ALA A 317 3.41 12.01 -6.22
C ALA A 317 4.36 12.89 -7.05
N THR A 318 4.63 14.09 -6.54
CA THR A 318 5.53 15.06 -7.15
C THR A 318 6.97 14.58 -7.22
N MET A 319 7.43 13.99 -6.11
CA MET A 319 8.83 13.63 -5.93
C MET A 319 9.42 12.96 -7.16
N ARG A 320 9.76 13.80 -8.14
CA ARG A 320 10.20 13.38 -9.47
C ARG A 320 9.20 12.42 -10.13
N1 F10 B . -6.80 3.25 -6.85
O3 F10 B . -6.05 1.14 -7.52
C10 F10 B . -12.82 -3.33 -1.26
C11 F10 B . -10.40 -0.99 -2.75
C9 F10 B . -13.79 -3.48 -0.30
C14 F10 B . -7.90 0.05 -5.39
C17 F10 B . -7.87 4.03 -6.25
C18 F10 B . -8.12 3.65 -4.80
C15 F10 B . -7.54 1.38 -5.72
C16 F10 B . -6.71 1.87 -6.79
C21 F10 B . -8.96 -2.31 -4.10
C22 F10 B . -9.52 -3.43 -3.53
C19 F10 B . -8.19 2.19 -4.83
C12 F10 B . -9.40 -1.06 -3.70
C13 F10 B . -8.77 0.08 -4.32
C2 F10 B . -10.91 -2.18 -2.24
C4 F10 B . -11.93 -2.27 -1.23
C5 F10 B . -12.08 -1.37 -0.19
C7 F10 B . -13.05 -1.50 0.78
C8 F10 B . -13.90 -2.57 0.73
F6 F10 B . -11.26 -0.32 -0.09
N20 F10 B . -8.90 1.40 -3.98
N23 F10 B . -10.48 -3.39 -2.61
#